data_1M40
#
_entry.id   1M40
#
_cell.length_a   41.313
_cell.length_b   61.641
_cell.length_c   89.252
_cell.angle_alpha   90.00
_cell.angle_beta   90.00
_cell.angle_gamma   90.00
#
_symmetry.space_group_name_H-M   'P 21 21 21'
#
loop_
_entity.id
_entity.type
_entity.pdbx_description
1 polymer 'BETA-LACTAMASE TEM'
2 non-polymer 'PHOSPHATE ION'
3 non-polymer 'POTASSIUM ION'
4 non-polymer PINACOL[[2-AMINO-ALPHA-(1-CARBOXY-1-METHYLETHOXYIMINO)-4-THIAZOLEACETYL]AMINO]METHANEBORONATE
5 water water
#
_entity_poly.entity_id   1
_entity_poly.type   'polypeptide(L)'
_entity_poly.pdbx_seq_one_letter_code
;HPETLVKVKDAEDQLGARVGYIELDLNSGKILESFRPEERFPMMSTFKVLLCGAVLSRVDAGQEQLGRRIHYSQNDLVEY
SPVTEKHLTDGMTVRELCSAAITMSDNTAANLLLTTIGGPKELTAFLHNMGDHVTRLDRWEPELNEAIPNDERDTTTPAA
MATTLRKLLTGELLTLASRQQLIDWMEADKVAGPLLRSALPAGWFIADKSGAGERGSRGIIAALGPDGKPSRIVVIYTTG
SQATMDERNRQIAEIGASLIKHW
;
_entity_poly.pdbx_strand_id   A
#
loop_
_chem_comp.id
_chem_comp.type
_chem_comp.name
_chem_comp.formula
CB4 non-polymer PINACOL[[2-AMINO-ALPHA-(1-CARBOXY-1-METHYLETHOXYIMINO)-4-THIAZOLEACETYL]AMINO]METHANEBORONATE 'C10 H15 B N4 O6 S'
K non-polymer 'POTASSIUM ION' 'K 1'
PO4 non-polymer 'PHOSPHATE ION' 'O4 P -3'
#
# COMPACT_ATOMS: atom_id res chain seq x y z
N HIS A 1 6.78 2.97 -20.62
N HIS A 1 6.51 2.65 -20.14
CA HIS A 1 7.27 2.43 -21.91
CA HIS A 1 7.05 2.26 -21.46
C HIS A 1 6.57 1.08 -22.07
C HIS A 1 6.42 0.94 -21.89
N PRO A 2 6.16 0.75 -23.29
N PRO A 2 6.15 0.77 -23.18
CA PRO A 2 5.57 -0.59 -23.48
CA PRO A 2 5.50 -0.47 -23.63
C PRO A 2 6.50 -1.77 -23.20
C PRO A 2 6.37 -1.69 -23.32
N GLU A 3 7.82 -1.63 -23.05
N GLU A 3 7.68 -1.52 -23.31
CA GLU A 3 8.65 -2.80 -22.75
CA GLU A 3 8.52 -2.63 -22.91
C GLU A 3 8.25 -3.42 -21.40
C GLU A 3 8.22 -3.07 -21.49
N THR A 4 7.77 -2.55 -20.53
N THR A 4 7.76 -2.22 -20.59
CA THR A 4 7.32 -2.96 -19.18
CA THR A 4 7.41 -2.73 -19.26
C THR A 4 6.00 -3.70 -19.30
C THR A 4 6.16 -3.55 -19.36
N LEU A 5 5.12 -3.32 -20.23
N LEU A 5 5.24 -3.14 -20.22
CA LEU A 5 3.91 -4.10 -20.47
CA LEU A 5 4.06 -3.97 -20.41
C LEU A 5 4.21 -5.53 -20.95
C LEU A 5 4.39 -5.34 -21.03
N VAL A 6 5.28 -5.71 -21.71
N VAL A 6 5.46 -5.44 -21.82
CA VAL A 6 5.76 -7.05 -22.09
CA VAL A 6 5.90 -6.80 -22.21
C VAL A 6 5.96 -7.88 -20.84
C VAL A 6 6.09 -7.65 -20.95
N LYS A 7 6.72 -7.29 -19.91
N LYS A 7 6.71 -7.10 -19.91
CA LYS A 7 7.00 -8.05 -18.72
CA LYS A 7 6.95 -7.86 -18.69
C LYS A 7 5.73 -8.29 -17.92
C LYS A 7 5.72 -8.07 -17.84
N VAL A 8 4.84 -7.31 -17.91
N VAL A 8 4.83 -7.09 -17.68
CA VAL A 8 3.60 -7.53 -17.15
CA VAL A 8 3.59 -7.23 -16.91
C VAL A 8 2.85 -8.68 -17.81
C VAL A 8 2.68 -8.34 -17.45
N LYS A 9 2.78 -8.68 -19.15
N LYS A 9 2.49 -8.31 -18.79
CA LYS A 9 2.16 -9.80 -19.84
CA LYS A 9 1.61 -9.30 -19.41
C LYS A 9 2.87 -11.10 -19.62
C LYS A 9 2.25 -10.66 -19.40
N ASP A 10 4.18 -11.04 -19.60
N ASP A 10 3.59 -10.74 -19.50
CA ASP A 10 4.94 -12.28 -19.34
CA ASP A 10 4.28 -12.01 -19.34
C ASP A 10 4.62 -12.76 -17.92
C ASP A 10 4.05 -12.55 -17.92
N ALA A 11 4.48 -11.83 -16.96
N ALA A 11 4.05 -11.67 -16.91
CA ALA A 11 4.17 -12.26 -15.60
CA ALA A 11 3.80 -12.13 -15.55
C ALA A 11 2.83 -12.99 -15.60
C ALA A 11 2.43 -12.80 -15.44
N GLU A 12 1.82 -12.49 -16.33
N GLU A 12 1.41 -12.16 -16.06
CA GLU A 12 0.59 -13.26 -16.42
CA GLU A 12 0.11 -12.77 -16.05
C GLU A 12 0.83 -14.66 -16.99
C GLU A 12 0.11 -14.14 -16.73
N ASP A 13 1.67 -14.75 -18.03
N ASP A 13 0.81 -14.29 -17.83
CA ASP A 13 2.03 -16.03 -18.67
CA ASP A 13 0.95 -15.58 -18.49
C ASP A 13 2.58 -17.00 -17.60
C ASP A 13 1.62 -16.61 -17.53
N GLN A 14 3.50 -16.49 -16.82
N GLN A 14 2.76 -16.21 -16.98
CA GLN A 14 4.19 -17.29 -15.84
CA GLN A 14 3.52 -17.16 -16.20
C GLN A 14 3.33 -17.71 -14.67
C GLN A 14 2.77 -17.56 -14.93
N LEU A 15 2.53 -16.75 -14.19
N LEU A 15 2.09 -16.60 -14.32
CA LEU A 15 1.75 -16.99 -13.00
CA LEU A 15 1.40 -16.88 -13.06
C LEU A 15 0.44 -17.67 -13.28
C LEU A 15 0.06 -17.56 -13.29
N GLY A 16 -0.02 -17.74 -14.52
N GLY A 16 -0.41 -17.61 -14.53
CA GLY A 16 -1.32 -18.39 -14.77
CA GLY A 16 -1.72 -18.19 -14.75
C GLY A 16 -2.45 -17.56 -14.19
C GLY A 16 -2.86 -17.49 -14.06
N ALA A 17 -2.29 -16.23 -14.06
N ALA A 17 -2.77 -16.15 -13.95
CA ALA A 17 -3.22 -15.43 -13.29
CA ALA A 17 -3.70 -15.39 -13.14
C ALA A 17 -3.17 -13.99 -13.80
C ALA A 17 -3.61 -13.92 -13.51
N ARG A 18 -4.16 -13.21 -13.38
N ARG A 18 -4.72 -13.20 -13.30
CA ARG A 18 -4.27 -11.83 -13.83
CA ARG A 18 -4.71 -11.76 -13.58
C ARG A 18 -3.30 -11.00 -12.99
C ARG A 18 -3.63 -11.02 -12.80
N VAL A 19 -2.70 -10.03 -13.64
N VAL A 19 -3.06 -10.03 -13.48
CA VAL A 19 -1.84 -9.03 -12.99
CA VAL A 19 -2.13 -9.02 -12.97
C VAL A 19 -2.45 -7.67 -13.36
C VAL A 19 -2.75 -7.66 -13.30
N GLY A 20 -2.53 -6.85 -12.32
N GLY A 20 -2.71 -6.74 -12.33
CA GLY A 20 -3.02 -5.47 -12.48
CA GLY A 20 -3.06 -5.32 -12.52
C GLY A 20 -1.85 -4.54 -12.24
C GLY A 20 -1.86 -4.46 -12.13
N TYR A 21 -1.88 -3.41 -13.00
N TYR A 21 -1.65 -3.42 -12.97
CA TYR A 21 -0.69 -2.57 -12.89
CA TYR A 21 -0.47 -2.56 -12.92
C TYR A 21 -1.08 -1.14 -13.24
C TYR A 21 -0.80 -1.12 -13.25
N ILE A 22 -0.43 -0.25 -12.48
N ILE A 22 -0.25 -0.13 -12.56
CA ILE A 22 -0.40 1.10 -13.04
CA ILE A 22 -0.33 1.31 -12.79
C ILE A 22 0.84 1.83 -12.55
C ILE A 22 1.06 1.86 -12.48
N GLU A 23 1.27 2.75 -13.43
N GLU A 23 1.51 2.75 -13.37
CA GLU A 23 2.38 3.66 -13.21
CA GLU A 23 2.59 3.66 -13.08
C GLU A 23 1.81 5.08 -13.37
C GLU A 23 2.03 5.07 -13.26
N LEU A 24 2.02 5.85 -12.30
N LEU A 24 2.09 5.92 -12.23
CA LEU A 24 1.40 7.14 -12.11
CA LEU A 24 1.52 7.24 -12.27
C LEU A 24 2.44 8.22 -11.80
C LEU A 24 2.64 8.27 -12.05
N ASP A 25 2.43 9.34 -12.54
N ASP A 25 2.56 9.41 -12.68
CA ASP A 25 3.30 10.44 -12.18
CA ASP A 25 3.42 10.52 -12.32
C ASP A 25 2.79 11.06 -10.89
C ASP A 25 2.91 11.11 -11.01
N LEU A 26 3.74 11.19 -9.95
CA LEU A 26 3.32 11.63 -8.65
C LEU A 26 2.87 13.10 -8.67
N ASN A 27 3.62 13.93 -9.36
CA ASN A 27 3.31 15.36 -9.41
C ASN A 27 2.02 15.61 -10.20
N SER A 28 1.89 15.10 -11.40
CA SER A 28 0.83 15.49 -12.29
C SER A 28 -0.41 14.62 -12.22
N GLY A 29 -0.27 13.43 -11.59
N GLY A 29 -0.25 13.36 -11.72
CA GLY A 29 -1.37 12.51 -11.58
CA GLY A 29 -1.22 12.34 -11.78
C GLY A 29 -1.58 11.74 -12.88
C GLY A 29 -1.41 11.65 -13.13
N LYS A 30 -0.68 11.82 -13.84
N LYS A 30 -0.55 11.99 -14.07
CA LYS A 30 -0.86 11.16 -15.13
CA LYS A 30 -0.68 11.36 -15.39
C LYS A 30 -0.56 9.65 -15.00
C LYS A 30 -0.49 9.85 -15.29
N ILE A 31 -1.46 8.83 -15.56
N ILE A 31 -1.39 9.07 -15.92
CA ILE A 31 -1.16 7.40 -15.73
CA ILE A 31 -1.20 7.63 -16.06
C ILE A 31 -0.22 7.28 -16.94
C ILE A 31 -0.13 7.41 -17.14
N LEU A 32 1.01 6.83 -16.78
N LEU A 32 0.99 6.86 -16.66
CA LEU A 32 2.04 6.60 -17.78
CA LEU A 32 2.08 6.64 -17.60
C LEU A 32 1.91 5.27 -18.47
C LEU A 32 1.90 5.30 -18.33
N GLU A 33 1.72 4.20 -17.69
N GLU A 33 1.37 4.30 -17.66
CA GLU A 33 1.40 2.88 -18.21
CA GLU A 33 1.21 2.95 -18.25
C GLU A 33 0.40 2.27 -17.22
C GLU A 33 0.23 2.18 -17.36
N SER A 34 -0.31 1.35 -17.83
N SER A 34 -0.51 1.23 -17.90
CA SER A 34 -1.28 0.56 -17.09
CA SER A 34 -1.41 0.46 -17.06
C SER A 34 -1.54 -0.77 -17.77
C SER A 34 -1.68 -0.92 -17.64
N PHE A 35 -2.01 -1.71 -16.95
N PHE A 35 -2.30 -1.76 -16.81
CA PHE A 35 -2.46 -3.04 -17.31
CA PHE A 35 -2.81 -3.05 -17.33
C PHE A 35 -3.58 -3.42 -16.34
C PHE A 35 -3.91 -3.47 -16.34
N ARG A 36 -4.77 -3.63 -16.88
N ARG A 36 -5.08 -3.80 -16.85
CA ARG A 36 -5.97 -3.95 -16.09
CA ARG A 36 -6.26 -4.07 -16.02
C ARG A 36 -6.24 -2.85 -15.06
C ARG A 36 -6.43 -3.02 -14.91
N PRO A 37 -6.25 -1.56 -15.40
N PRO A 37 -6.31 -1.72 -15.24
CA PRO A 37 -6.30 -0.49 -14.42
CA PRO A 37 -6.24 -0.76 -14.13
C PRO A 37 -7.55 -0.43 -13.56
C PRO A 37 -7.57 -0.54 -13.40
N GLU A 38 -8.70 -0.91 -14.03
CA GLU A 38 -9.96 -0.72 -13.39
C GLU A 38 -10.64 -2.05 -13.02
N GLU A 39 -9.82 -3.10 -12.99
CA GLU A 39 -10.32 -4.40 -12.47
C GLU A 39 -10.01 -4.48 -10.98
N ARG A 40 -10.88 -5.17 -10.28
CA ARG A 40 -10.73 -5.32 -8.82
C ARG A 40 -9.77 -6.43 -8.47
N PHE A 41 -9.00 -6.15 -7.42
CA PHE A 41 -8.07 -7.10 -6.82
C PHE A 41 -8.19 -6.96 -5.29
N PRO A 42 -7.98 -8.05 -4.56
CA PRO A 42 -7.87 -7.94 -3.10
C PRO A 42 -6.72 -7.01 -2.72
N MET A 43 -6.97 -6.09 -1.77
N MET A 43 -7.04 -6.09 -1.84
CA MET A 43 -5.93 -5.22 -1.23
CA MET A 43 -5.86 -5.27 -1.52
C MET A 43 -4.89 -5.99 -0.42
C MET A 43 -5.00 -5.92 -0.45
N MET A 44 -5.37 -6.96 0.33
CA MET A 44 -4.51 -7.59 1.33
C MET A 44 -3.95 -6.47 2.21
N SER A 45 -2.71 -6.64 2.69
CA SER A 45 -2.16 -5.70 3.64
C SER A 45 -1.84 -4.32 3.07
N THR A 46 -1.97 -4.12 1.75
CA THR A 46 -1.80 -2.78 1.23
C THR A 46 -2.82 -1.80 1.83
N PHE A 47 -3.96 -2.32 2.34
CA PHE A 47 -4.91 -1.42 2.98
C PHE A 47 -4.35 -0.74 4.20
N LYS A 48 -3.31 -1.29 4.82
CA LYS A 48 -2.82 -0.76 6.08
C LYS A 48 -2.28 0.67 5.94
N VAL A 49 -1.80 1.03 4.74
CA VAL A 49 -1.44 2.43 4.49
C VAL A 49 -2.67 3.33 4.54
N LEU A 50 -3.76 2.86 3.91
N LEU A 50 -3.74 3.00 3.87
CA LEU A 50 -4.99 3.65 3.93
CA LEU A 50 -4.98 3.74 3.87
C LEU A 50 -5.49 3.86 5.35
C LEU A 50 -5.57 3.83 5.29
N LEU A 51 -5.46 2.75 6.09
CA LEU A 51 -5.84 2.76 7.49
C LEU A 51 -5.09 3.82 8.27
N CYS A 52 -3.76 3.82 8.15
CA CYS A 52 -2.98 4.80 8.89
C CYS A 52 -3.18 6.21 8.33
N GLY A 53 -3.61 6.35 7.08
N GLY A 53 -3.37 6.35 7.01
CA GLY A 53 -4.10 7.62 6.56
CA GLY A 53 -3.69 7.70 6.58
C GLY A 53 -5.32 8.13 7.26
C GLY A 53 -4.92 8.22 7.28
N ALA A 54 -6.31 7.23 7.44
N ALA A 54 -5.89 7.33 7.49
CA ALA A 54 -7.53 7.57 8.14
CA ALA A 54 -7.09 7.77 8.20
C ALA A 54 -7.25 7.93 9.60
C ALA A 54 -6.79 8.06 9.67
N VAL A 55 -6.35 7.21 10.25
N VAL A 55 -5.95 7.29 10.34
CA VAL A 55 -5.95 7.52 11.59
CA VAL A 55 -5.52 7.60 11.68
C VAL A 55 -5.32 8.93 11.63
C VAL A 55 -4.86 8.98 11.75
N LEU A 56 -4.41 9.22 10.70
N LEU A 56 -3.95 9.28 10.83
CA LEU A 56 -3.72 10.51 10.71
CA LEU A 56 -3.31 10.57 10.78
C LEU A 56 -4.72 11.64 10.46
C LEU A 56 -4.25 11.73 10.47
N SER A 57 -5.76 11.36 9.63
N SER A 57 -5.29 11.50 9.67
CA SER A 57 -6.80 12.36 9.39
CA SER A 57 -6.33 12.52 9.48
C SER A 57 -7.53 12.69 10.68
C SER A 57 -7.03 12.84 10.80
N ARG A 58 -7.80 11.66 11.49
N ARG A 58 -7.30 11.79 11.59
CA ARG A 58 -8.40 11.90 12.81
CA ARG A 58 -7.88 11.97 12.92
C ARG A 58 -7.48 12.68 13.72
C ARG A 58 -6.97 12.72 13.86
N VAL A 59 -6.20 12.37 13.70
N VAL A 59 -5.69 12.39 13.80
CA VAL A 59 -5.25 13.13 14.49
CA VAL A 59 -4.74 13.18 14.54
C VAL A 59 -5.31 14.61 14.11
C VAL A 59 -4.78 14.65 14.13
N ASP A 60 -5.30 14.89 12.81
N ASP A 60 -4.81 14.92 12.83
CA ASP A 60 -5.30 16.26 12.33
CA ASP A 60 -4.72 16.31 12.36
C ASP A 60 -6.54 16.97 12.81
C ASP A 60 -5.91 17.04 12.92
N ALA A 61 -7.62 16.23 12.91
N ALA A 61 -7.02 16.27 12.98
CA ALA A 61 -8.91 16.79 13.29
CA ALA A 61 -8.28 16.88 13.37
C ALA A 61 -9.08 16.89 14.81
C ALA A 61 -8.40 16.98 14.90
N GLY A 62 -8.06 16.51 15.59
N GLY A 62 -7.42 16.40 15.60
CA GLY A 62 -8.14 16.55 17.05
CA GLY A 62 -7.45 16.44 17.05
C GLY A 62 -9.00 15.47 17.65
C GLY A 62 -8.35 15.41 17.65
N GLN A 63 -9.18 14.34 16.93
N GLN A 63 -8.68 14.38 16.85
CA GLN A 63 -9.98 13.19 17.27
CA GLN A 63 -9.42 13.29 17.45
C GLN A 63 -9.16 11.93 17.68
C GLN A 63 -8.57 12.06 17.87
N GLU A 64 -7.84 12.07 17.61
N GLU A 64 -7.29 12.09 17.57
CA GLU A 64 -6.92 10.98 17.92
CA GLU A 64 -6.34 11.05 17.94
C GLU A 64 -5.59 11.60 18.24
C GLU A 64 -5.02 11.69 18.30
N GLN A 65 -4.79 10.85 18.96
N GLN A 65 -4.26 10.90 19.04
CA GLN A 65 -3.44 11.26 19.30
CA GLN A 65 -2.91 11.30 19.38
C GLN A 65 -2.49 10.14 18.98
C GLN A 65 -1.96 10.16 19.07
N LEU A 66 -1.40 10.47 18.27
N LEU A 66 -0.91 10.38 18.34
CA LEU A 66 -0.43 9.44 17.95
CA LEU A 66 0.04 9.32 18.07
C LEU A 66 0.18 8.84 19.22
C LEU A 66 0.68 8.69 19.32
N GLY A 67 0.27 9.59 20.30
N GLY A 67 0.80 9.48 20.40
CA GLY A 67 0.87 9.06 21.54
CA GLY A 67 1.38 8.93 21.64
C GLY A 67 -0.09 8.32 22.42
C GLY A 67 0.41 8.23 22.56
N ARG A 68 -1.35 8.17 22.03
N ARG A 68 -0.90 8.20 22.28
CA ARG A 68 -2.35 7.51 22.87
CA ARG A 68 -1.89 7.49 23.08
C ARG A 68 -2.05 6.03 22.96
C ARG A 68 -1.60 5.99 23.05
N ARG A 69 -2.12 5.46 24.15
N ARG A 69 -1.62 5.36 24.20
CA ARG A 69 -1.76 4.05 24.39
CA ARG A 69 -1.34 3.96 24.47
C ARG A 69 -2.98 3.17 24.38
C ARG A 69 -2.58 3.08 24.39
N ILE A 70 -2.83 2.07 23.62
N ILE A 70 -2.46 2.00 23.60
CA ILE A 70 -3.84 1.04 23.59
CA ILE A 70 -3.52 1.00 23.39
C ILE A 70 -3.26 -0.23 24.24
C ILE A 70 -3.24 -0.27 24.19
N HIS A 71 -4.06 -0.75 25.15
CA HIS A 71 -3.82 -1.98 25.88
C HIS A 71 -4.66 -3.10 25.29
N TYR A 72 -4.04 -4.23 25.07
CA TYR A 72 -4.66 -5.38 24.45
C TYR A 72 -4.15 -6.65 25.13
N SER A 73 -4.59 -7.83 24.69
N SER A 73 -4.83 -7.75 24.77
CA SER A 73 -4.25 -9.05 25.42
CA SER A 73 -4.58 -9.00 25.45
C SER A 73 -4.22 -10.25 24.49
C SER A 73 -4.21 -10.02 24.41
N GLN A 74 -3.93 -11.42 25.06
N GLN A 74 -3.79 -11.15 24.96
CA GLN A 74 -3.66 -12.60 24.26
CA GLN A 74 -3.70 -12.35 24.14
C GLN A 74 -4.73 -12.95 23.24
C GLN A 74 -5.02 -12.57 23.42
N ASN A 75 -6.00 -12.88 23.71
N ASN A 75 -6.18 -12.13 23.90
CA ASN A 75 -7.08 -13.27 22.83
CA ASN A 75 -7.43 -12.36 23.22
C ASN A 75 -7.21 -12.32 21.61
C ASN A 75 -7.52 -11.60 21.89
N ASP A 76 -6.75 -11.07 21.73
N ASP A 76 -6.79 -10.51 21.71
CA ASP A 76 -6.84 -10.14 20.60
CA ASP A 76 -6.79 -9.75 20.45
C ASP A 76 -5.96 -10.58 19.45
C ASP A 76 -5.79 -10.32 19.43
N LEU A 77 -4.86 -11.21 19.77
CA LEU A 77 -3.84 -11.55 18.80
C LEU A 77 -4.45 -12.46 17.72
N VAL A 78 -4.18 -12.08 16.47
CA VAL A 78 -4.52 -12.87 15.30
C VAL A 78 -3.22 -13.31 14.62
N GLU A 79 -3.34 -14.16 13.62
CA GLU A 79 -2.17 -14.75 12.97
C GLU A 79 -1.29 -13.64 12.37
N TYR A 80 0.00 -13.82 12.52
CA TYR A 80 1.06 -12.97 12.02
C TYR A 80 1.00 -11.58 12.70
N SER A 81 1.56 -11.59 13.92
CA SER A 81 1.57 -10.44 14.81
C SER A 81 2.97 -10.30 15.44
N PRO A 82 4.00 -10.14 14.62
CA PRO A 82 5.37 -10.26 15.12
C PRO A 82 5.76 -9.14 16.09
N VAL A 83 5.15 -8.00 16.00
CA VAL A 83 5.43 -6.90 16.91
C VAL A 83 4.46 -6.94 18.09
N THR A 84 3.17 -6.96 17.81
CA THR A 84 2.20 -6.85 18.88
C THR A 84 2.27 -8.01 19.86
N GLU A 85 2.69 -9.20 19.43
CA GLU A 85 2.77 -10.31 20.38
C GLU A 85 3.83 -10.08 21.44
N LYS A 86 4.74 -9.13 21.29
N LYS A 86 4.71 -9.10 21.22
CA LYS A 86 5.83 -8.77 22.18
CA LYS A 86 5.74 -8.85 22.23
C LYS A 86 5.43 -7.69 23.20
C LYS A 86 5.39 -7.76 23.23
N HIS A 87 4.25 -7.10 23.08
CA HIS A 87 3.88 -5.93 23.86
C HIS A 87 2.55 -6.09 24.58
N LEU A 88 2.20 -7.32 24.96
CA LEU A 88 0.96 -7.57 25.65
C LEU A 88 0.89 -6.90 27.01
N THR A 89 2.02 -6.87 27.74
CA THR A 89 1.94 -6.41 29.12
C THR A 89 1.64 -4.92 29.23
N ASP A 90 2.31 -4.05 28.45
N ASP A 90 2.38 -4.18 28.39
CA ASP A 90 2.26 -2.59 28.58
CA ASP A 90 2.31 -2.74 28.56
C ASP A 90 1.63 -1.91 27.39
C ASP A 90 1.76 -1.98 27.35
N GLY A 91 1.27 -2.68 26.34
CA GLY A 91 0.58 -2.05 25.23
C GLY A 91 1.48 -1.31 24.27
N MET A 92 0.85 -0.61 23.32
CA MET A 92 1.55 0.11 22.29
C MET A 92 0.81 1.41 22.01
N THR A 93 1.55 2.43 21.59
CA THR A 93 0.92 3.67 21.19
C THR A 93 0.37 3.58 19.76
N VAL A 94 -0.51 4.51 19.41
CA VAL A 94 -1.02 4.57 18.04
C VAL A 94 0.10 4.65 17.02
N ARG A 95 1.18 5.45 17.24
N ARG A 95 0.95 5.61 17.32
CA ARG A 95 2.28 5.54 16.24
CA ARG A 95 2.13 5.67 16.47
C ARG A 95 3.05 4.23 16.16
C ARG A 95 2.84 4.34 16.29
N GLU A 96 3.18 3.60 17.35
CA GLU A 96 3.87 2.34 17.32
C GLU A 96 3.05 1.29 16.56
N LEU A 97 1.73 1.35 16.68
CA LEU A 97 0.89 0.40 15.96
C LEU A 97 0.91 0.66 14.45
N CYS A 98 0.87 1.95 14.04
CA CYS A 98 1.01 2.18 12.60
C CYS A 98 2.38 1.76 12.08
N SER A 99 3.45 2.01 12.88
CA SER A 99 4.74 1.54 12.47
C SER A 99 4.72 0.01 12.29
N ALA A 100 4.15 -0.71 13.24
CA ALA A 100 4.11 -2.16 13.15
C ALA A 100 3.26 -2.62 11.95
N ALA A 101 2.17 -1.90 11.73
N ALA A 101 2.08 -2.05 11.79
CA ALA A 101 1.35 -2.35 10.62
CA ALA A 101 1.15 -2.38 10.71
C ALA A 101 2.02 -2.16 9.25
C ALA A 101 1.78 -2.16 9.37
N ILE A 102 2.97 -1.23 9.12
N ILE A 102 2.43 -0.97 9.19
CA ILE A 102 3.57 -0.88 7.82
CA ILE A 102 2.99 -0.68 7.86
C ILE A 102 4.95 -1.50 7.63
C ILE A 102 4.35 -1.35 7.67
N THR A 103 5.80 -1.49 8.63
N THR A 103 5.27 -1.19 8.64
CA THR A 103 7.17 -2.08 8.50
CA THR A 103 6.62 -1.65 8.42
C THR A 103 7.15 -3.59 8.36
C THR A 103 6.81 -3.14 8.55
N MET A 104 6.38 -4.19 9.27
N MET A 104 5.98 -3.82 9.38
CA MET A 104 6.26 -5.59 9.46
CA MET A 104 6.06 -5.25 9.59
C MET A 104 4.87 -6.03 9.05
N SER A 105 3.85 -5.28 8.65
CA SER A 105 2.57 -5.87 8.23
C SER A 105 1.86 -6.59 9.37
N ASP A 106 2.05 -6.13 10.60
CA ASP A 106 1.48 -6.81 11.77
C ASP A 106 -0.06 -6.78 11.69
N ASN A 107 -0.68 -7.95 11.80
CA ASN A 107 -2.12 -8.04 11.61
C ASN A 107 -2.93 -7.60 12.82
N THR A 108 -2.48 -7.93 14.06
CA THR A 108 -3.18 -7.42 15.22
C THR A 108 -3.10 -5.91 15.27
N ALA A 109 -1.93 -5.35 14.91
CA ALA A 109 -1.83 -3.89 14.91
C ALA A 109 -2.90 -3.28 14.02
N ALA A 110 -3.09 -3.87 12.83
CA ALA A 110 -4.13 -3.38 11.94
C ALA A 110 -5.51 -3.47 12.54
N ASN A 111 -5.84 -4.59 13.21
CA ASN A 111 -7.15 -4.67 13.85
C ASN A 111 -7.31 -3.63 14.94
N LEU A 112 -6.27 -3.43 15.77
CA LEU A 112 -6.38 -2.45 16.83
C LEU A 112 -6.63 -1.06 16.24
N LEU A 113 -5.89 -0.72 15.18
CA LEU A 113 -6.07 0.56 14.55
C LEU A 113 -7.45 0.72 13.88
C LEU A 113 -7.46 0.67 13.89
N LEU A 114 -7.86 -0.32 13.19
N LEU A 114 -8.00 -0.42 13.32
CA LEU A 114 -9.21 -0.36 12.64
CA LEU A 114 -9.33 -0.32 12.74
C LEU A 114 -10.20 -0.10 13.75
C LEU A 114 -10.42 -0.02 13.75
N THR A 115 -10.09 -0.70 14.92
N THR A 115 -10.11 -0.51 14.95
CA THR A 115 -11.09 -0.43 15.96
CA THR A 115 -10.98 -0.33 16.12
C THR A 115 -11.21 1.07 16.29
C THR A 115 -10.92 1.14 16.56
N THR A 116 -10.06 1.82 16.25
N THR A 116 -9.74 1.73 16.59
CA THR A 116 -10.01 3.22 16.64
CA THR A 116 -9.61 3.10 17.04
C THR A 116 -10.88 4.09 15.73
C THR A 116 -10.42 3.98 16.10
N ILE A 117 -11.03 3.69 14.46
N ILE A 117 -10.55 3.67 14.80
CA ILE A 117 -11.74 4.53 13.52
CA ILE A 117 -11.25 4.55 13.88
C ILE A 117 -13.18 4.07 13.30
C ILE A 117 -12.69 4.19 13.66
N GLY A 118 -13.58 2.99 13.95
N GLY A 118 -13.14 3.09 14.26
CA GLY A 118 -14.93 2.51 13.78
CA GLY A 118 -14.50 2.67 14.12
C GLY A 118 -15.09 1.29 12.92
C GLY A 118 -14.82 1.56 13.16
N GLY A 119 -14.03 0.60 12.52
N GLY A 119 -13.79 0.95 12.61
CA GLY A 119 -14.16 -0.64 11.73
CA GLY A 119 -13.89 -0.30 11.86
C GLY A 119 -14.02 -0.31 10.26
C GLY A 119 -13.84 -0.14 10.38
N PRO A 120 -14.06 -1.42 9.52
N PRO A 120 -13.90 -1.25 9.62
CA PRO A 120 -13.94 -1.40 8.07
CA PRO A 120 -13.90 -1.19 8.16
C PRO A 120 -14.89 -0.38 7.42
C PRO A 120 -14.96 -0.27 7.51
N LYS A 121 -16.16 -0.38 7.87
N LYS A 121 -16.12 -0.02 8.17
CA LYS A 121 -17.16 0.47 7.27
CA LYS A 121 -17.10 0.85 7.51
C LYS A 121 -16.71 1.92 7.31
C LYS A 121 -16.57 2.31 7.58
N GLU A 122 -16.09 2.34 8.35
N GLU A 122 -15.85 2.60 8.62
CA GLU A 122 -15.64 3.71 8.49
CA GLU A 122 -15.32 3.96 8.72
C GLU A 122 -14.41 4.00 7.65
C GLU A 122 -14.08 4.17 7.89
N LEU A 123 -13.58 3.00 7.43
N LEU A 123 -13.25 3.18 7.63
CA LEU A 123 -12.47 3.17 6.48
CA LEU A 123 -12.17 3.38 6.66
C LEU A 123 -13.07 3.40 5.10
C LEU A 123 -12.77 3.61 5.28
N THR A 124 -14.09 2.61 4.74
N THR A 124 -13.80 2.83 4.91
CA THR A 124 -14.75 2.82 3.45
CA THR A 124 -14.42 2.98 3.59
C THR A 124 -15.38 4.21 3.33
C THR A 124 -15.08 4.35 3.48
N ALA A 125 -16.02 4.65 4.41
N ALA A 125 -15.75 4.81 4.53
CA ALA A 125 -16.58 6.00 4.38
CA ALA A 125 -16.32 6.15 4.50
C ALA A 125 -15.49 7.05 4.21
C ALA A 125 -15.26 7.23 4.34
N PHE A 126 -14.36 6.84 4.87
N PHE A 126 -14.12 7.13 5.02
CA PHE A 126 -13.24 7.79 4.74
CA PHE A 126 -13.00 8.03 4.85
C PHE A 126 -12.77 7.87 3.28
C PHE A 126 -12.56 8.10 3.39
N LEU A 127 -12.57 6.71 2.68
N LEU A 127 -12.45 6.92 2.80
CA LEU A 127 -12.20 6.64 1.27
CA LEU A 127 -11.98 6.81 1.41
C LEU A 127 -13.19 7.33 0.37
C LEU A 127 -12.93 7.48 0.45
N HIS A 128 -14.49 7.01 0.53
N HIS A 128 -14.22 7.19 0.65
CA HIS A 128 -15.50 7.65 -0.34
CA HIS A 128 -15.25 7.78 -0.23
C HIS A 128 -15.42 9.16 -0.21
C HIS A 128 -15.20 9.30 -0.09
N ASN A 129 -15.32 9.63 1.04
N ASN A 129 -15.00 9.78 1.14
CA ASN A 129 -15.26 11.07 1.32
CA ASN A 129 -15.01 11.23 1.37
C ASN A 129 -14.03 11.78 0.77
C ASN A 129 -13.79 11.92 0.83
N MET A 130 -12.96 11.06 0.47
N MET A 130 -12.73 11.18 0.51
CA MET A 130 -11.78 11.64 -0.20
CA MET A 130 -11.63 11.86 -0.14
C MET A 130 -11.78 11.40 -1.71
C MET A 130 -11.57 11.51 -1.63
N GLY A 131 -12.87 10.85 -2.22
N GLY A 131 -12.64 11.04 -2.19
CA GLY A 131 -13.04 10.78 -3.67
CA GLY A 131 -12.86 10.89 -3.59
C GLY A 131 -12.66 9.43 -4.30
C GLY A 131 -12.64 9.49 -4.15
N ASP A 132 -12.41 8.42 -3.45
N ASP A 132 -12.40 8.51 -3.30
CA ASP A 132 -12.20 7.03 -3.90
CA ASP A 132 -12.15 7.14 -3.77
C ASP A 132 -13.54 6.31 -3.74
C ASP A 132 -13.46 6.40 -3.57
N HIS A 133 -14.27 6.22 -4.87
N HIS A 133 -14.19 6.24 -4.67
CA HIS A 133 -15.56 5.54 -4.87
CA HIS A 133 -15.53 5.64 -4.70
C HIS A 133 -15.45 4.07 -5.27
C HIS A 133 -15.45 4.13 -5.08
N VAL A 134 -14.26 3.58 -5.13
CA VAL A 134 -13.98 2.19 -5.59
C VAL A 134 -13.53 1.32 -4.42
N THR A 135 -12.45 1.73 -3.75
CA THR A 135 -11.83 0.94 -2.72
C THR A 135 -12.79 0.74 -1.55
N ARG A 136 -12.81 -0.49 -1.04
CA ARG A 136 -13.69 -0.78 0.09
C ARG A 136 -13.01 -1.81 0.99
N LEU A 137 -13.10 -1.56 2.28
CA LEU A 137 -12.76 -2.55 3.30
C LEU A 137 -14.05 -2.98 3.98
N ASP A 138 -14.19 -4.28 4.16
CA ASP A 138 -15.40 -4.91 4.67
C ASP A 138 -15.16 -5.77 5.90
N ARG A 139 -14.00 -6.35 6.01
CA ARG A 139 -13.67 -7.31 7.03
C ARG A 139 -12.41 -6.90 7.77
N TRP A 140 -12.12 -7.71 8.79
CA TRP A 140 -10.98 -7.55 9.68
C TRP A 140 -9.92 -8.59 9.35
N GLU A 141 -8.75 -8.51 10.00
CA GLU A 141 -7.81 -9.60 9.89
C GLU A 141 -8.33 -10.77 10.76
N PRO A 142 -8.35 -12.01 10.27
CA PRO A 142 -7.67 -12.48 9.04
C PRO A 142 -8.53 -12.48 7.79
N GLU A 143 -9.84 -12.41 7.91
CA GLU A 143 -10.70 -12.76 6.80
C GLU A 143 -10.58 -11.85 5.60
N LEU A 144 -10.09 -10.61 5.78
CA LEU A 144 -10.01 -9.68 4.66
C LEU A 144 -9.03 -10.15 3.58
N ASN A 145 -8.19 -11.13 3.86
CA ASN A 145 -7.26 -11.68 2.87
C ASN A 145 -7.81 -12.88 2.10
N GLU A 146 -9.07 -13.30 2.23
N GLU A 146 -9.11 -13.12 2.18
CA GLU A 146 -9.70 -14.45 1.63
CA GLU A 146 -9.52 -14.40 1.61
C GLU A 146 -9.55 -14.47 0.12
C GLU A 146 -9.58 -14.46 0.11
N ALA A 147 -9.65 -13.33 -0.55
CA ALA A 147 -9.42 -13.29 -2.01
C ALA A 147 -10.36 -14.16 -2.78
N ILE A 148 -11.64 -14.19 -2.39
CA ILE A 148 -12.62 -15.00 -3.10
C ILE A 148 -12.80 -14.49 -4.51
N PRO A 149 -12.79 -15.38 -5.51
CA PRO A 149 -13.00 -14.92 -6.87
C PRO A 149 -14.32 -14.16 -7.01
N ASN A 150 -14.30 -13.02 -7.69
CA ASN A 150 -15.48 -12.22 -7.99
C ASN A 150 -16.04 -11.49 -6.81
N ASP A 151 -15.41 -11.61 -5.63
CA ASP A 151 -15.88 -10.89 -4.46
C ASP A 151 -15.34 -9.47 -4.51
N GLU A 152 -16.21 -8.50 -4.28
CA GLU A 152 -15.75 -7.12 -4.20
C GLU A 152 -15.38 -6.70 -2.78
N ARG A 153 -15.66 -7.51 -1.77
CA ARG A 153 -15.23 -7.17 -0.44
C ARG A 153 -13.72 -6.98 -0.39
N ASP A 154 -13.25 -5.96 0.31
CA ASP A 154 -11.83 -5.82 0.62
C ASP A 154 -10.98 -5.68 -0.64
N THR A 155 -11.52 -5.01 -1.66
CA THR A 155 -10.85 -4.82 -2.94
C THR A 155 -10.60 -3.34 -3.24
N THR A 156 -9.66 -3.18 -4.18
CA THR A 156 -9.41 -1.91 -4.84
C THR A 156 -9.23 -2.21 -6.34
N THR A 157 -8.91 -1.16 -7.09
CA THR A 157 -8.41 -1.32 -8.45
C THR A 157 -7.01 -0.69 -8.48
N PRO A 158 -6.15 -1.08 -9.44
CA PRO A 158 -4.85 -0.41 -9.50
C PRO A 158 -4.99 1.11 -9.59
N ALA A 159 -5.90 1.56 -10.46
CA ALA A 159 -6.07 3.00 -10.64
C ALA A 159 -6.58 3.69 -9.38
N ALA A 160 -7.56 3.09 -8.71
CA ALA A 160 -8.11 3.75 -7.52
C ALA A 160 -7.06 3.84 -6.44
N MET A 161 -6.34 2.73 -6.21
CA MET A 161 -5.32 2.72 -5.18
C MET A 161 -4.21 3.70 -5.48
N ALA A 162 -3.76 3.75 -6.75
CA ALA A 162 -2.66 4.65 -7.09
C ALA A 162 -3.12 6.12 -6.86
C ALA A 162 -2.98 6.12 -6.85
N THR A 163 -4.36 6.43 -7.26
N THR A 163 -4.16 6.51 -7.34
CA THR A 163 -4.93 7.78 -7.13
CA THR A 163 -4.60 7.88 -7.15
C THR A 163 -5.00 8.16 -5.63
C THR A 163 -4.96 8.17 -5.67
N THR A 164 -5.51 7.23 -4.86
CA THR A 164 -5.66 7.46 -3.44
C THR A 164 -4.30 7.64 -2.76
N LEU A 165 -3.34 6.80 -3.11
CA LEU A 165 -2.02 6.95 -2.51
C LEU A 165 -1.42 8.31 -2.87
N ARG A 166 -1.58 8.74 -4.13
CA ARG A 166 -1.08 10.05 -4.51
C ARG A 166 -1.71 11.14 -3.64
N LYS A 167 -3.01 11.08 -3.43
CA LYS A 167 -3.70 12.03 -2.57
CA LYS A 167 -3.59 12.15 -2.66
C LYS A 167 -3.16 12.00 -1.13
C LYS A 167 -3.15 12.14 -1.19
N LEU A 168 -3.08 10.82 -0.52
N LEU A 168 -2.83 10.94 -0.72
CA LEU A 168 -2.66 10.77 0.88
CA LEU A 168 -2.28 10.86 0.62
C LEU A 168 -1.24 11.32 1.05
C LEU A 168 -0.86 11.44 0.68
N LEU A 169 -0.33 11.02 0.13
N LEU A 169 -0.10 11.31 -0.38
CA LEU A 169 1.06 11.40 0.32
CA LEU A 169 1.29 11.70 -0.36
C LEU A 169 1.35 12.85 -0.06
C LEU A 169 1.53 13.11 -0.90
N THR A 170 0.53 13.44 -0.92
N THR A 170 0.51 13.76 -1.47
CA THR A 170 0.91 14.77 -1.46
CA THR A 170 0.63 15.08 -2.06
C THR A 170 -0.19 15.81 -1.46
C THR A 170 -0.58 15.94 -1.76
N GLY A 171 -1.45 15.47 -1.19
N GLY A 171 -0.57 17.22 -2.13
CA GLY A 171 -2.57 16.41 -1.23
CA GLY A 171 -1.72 18.00 -1.79
C GLY A 171 -2.77 17.10 0.10
C GLY A 171 -2.08 18.12 -0.32
N GLU A 172 -3.84 17.92 0.15
N GLU A 172 -3.35 18.36 0.05
CA GLU A 172 -4.09 18.75 1.36
CA GLU A 172 -3.90 18.75 1.34
C GLU A 172 -4.89 17.82 2.27
C GLU A 172 -4.78 18.01 2.34
N LEU A 173 -5.09 16.56 1.83
N LEU A 173 -5.24 16.80 2.28
CA LEU A 173 -5.92 15.67 2.65
CA LEU A 173 -6.10 16.11 3.27
C LEU A 173 -5.45 15.59 4.08
C LEU A 173 -5.23 15.83 4.50
N LEU A 174 -4.17 15.36 4.29
N LEU A 174 -3.89 15.79 4.44
CA LEU A 174 -3.50 15.32 5.58
CA LEU A 174 -3.00 15.64 5.61
C LEU A 174 -2.65 16.58 5.72
C LEU A 174 -2.08 16.87 5.76
N THR A 175 -2.37 17.05 6.94
N THR A 175 -1.70 17.21 6.97
CA THR A 175 -1.36 18.08 7.10
CA THR A 175 -0.64 18.20 7.19
C THR A 175 0.00 17.61 6.55
C THR A 175 0.71 17.68 6.67
N LEU A 176 0.91 18.58 6.30
N LEU A 176 1.69 18.56 6.46
CA LEU A 176 2.26 18.19 5.87
CA LEU A 176 3.02 18.08 6.03
C LEU A 176 2.85 17.23 6.88
C LEU A 176 3.59 17.16 7.09
N ALA A 177 2.77 17.53 8.20
N ALA A 177 3.39 17.51 8.37
CA ALA A 177 3.65 16.73 9.05
CA ALA A 177 3.57 16.57 9.47
C ALA A 177 3.22 15.26 9.12
C ALA A 177 2.78 15.28 9.21
N SER A 178 1.90 15.13 9.07
N SER A 178 1.50 15.16 8.90
CA SER A 178 1.26 13.85 8.98
CA SER A 178 0.89 13.82 8.82
C SER A 178 1.48 13.15 7.65
C SER A 178 1.38 13.10 7.56
N ARG A 179 1.28 13.78 6.49
N ARG A 179 1.70 13.85 6.51
CA ARG A 179 1.58 13.07 5.24
CA ARG A 179 2.12 13.28 5.23
C ARG A 179 3.03 12.63 5.22
C ARG A 179 3.48 12.62 5.40
N GLN A 180 3.90 13.44 5.84
N GLN A 180 4.38 13.38 6.02
CA GLN A 180 5.30 12.99 5.98
CA GLN A 180 5.72 12.85 6.24
C GLN A 180 5.41 11.79 6.88
C GLN A 180 5.77 11.69 7.19
N GLN A 181 4.65 11.73 7.99
N GLN A 181 4.94 11.72 8.22
CA GLN A 181 4.76 10.54 8.85
CA GLN A 181 4.89 10.56 9.13
C GLN A 181 4.27 9.31 8.12
C GLN A 181 4.57 9.33 8.34
N LEU A 182 3.23 9.42 7.29
N LEU A 182 3.59 9.47 7.44
CA LEU A 182 2.75 8.28 6.51
CA LEU A 182 3.15 8.30 6.67
C LEU A 182 3.83 7.77 5.58
C LEU A 182 4.25 7.82 5.77
N ILE A 183 4.51 8.68 4.84
N ILE A 183 4.90 8.78 5.10
CA ILE A 183 5.53 8.21 3.90
CA ILE A 183 6.02 8.41 4.23
C ILE A 183 6.73 7.71 4.68
C ILE A 183 7.09 7.77 5.07
N ASP A 184 7.03 8.27 5.84
N ASP A 184 7.41 8.28 6.25
CA ASP A 184 8.15 7.78 6.63
CA ASP A 184 8.41 7.66 7.13
C ASP A 184 7.92 6.34 7.10
C ASP A 184 8.06 6.21 7.37
N TRP A 185 6.75 5.97 7.59
CA TRP A 185 6.43 4.58 7.92
C TRP A 185 6.62 3.70 6.70
N MET A 186 6.15 4.16 5.53
CA MET A 186 6.29 3.39 4.29
C MET A 186 7.76 3.21 3.86
N GLU A 187 8.63 4.17 4.14
N GLU A 187 8.56 4.25 4.05
CA GLU A 187 10.03 4.10 3.78
CA GLU A 187 9.95 4.06 3.64
C GLU A 187 10.69 2.97 4.58
C GLU A 187 10.66 3.06 4.55
N ALA A 188 10.29 2.68 5.81
N ALA A 188 10.18 3.01 5.80
CA ALA A 188 10.81 1.56 6.63
CA ALA A 188 10.79 2.11 6.77
C ALA A 188 10.20 0.25 6.18
C ALA A 188 10.26 0.69 6.65
N ASP A 189 10.99 -0.83 6.25
N ASP A 189 9.49 0.36 5.59
CA ASP A 189 10.52 -2.09 5.74
CA ASP A 189 8.98 -1.01 5.36
C ASP A 189 11.41 -3.27 6.25
C ASP A 189 10.08 -2.03 5.45
N LYS A 190 10.70 -4.32 6.63
N LYS A 190 9.94 -3.03 6.31
CA LYS A 190 11.29 -5.60 6.94
CA LYS A 190 10.92 -4.06 6.53
C LYS A 190 10.71 -6.78 6.18
C LYS A 190 10.62 -5.38 5.84
N VAL A 191 9.79 -6.52 5.26
N VAL A 191 9.41 -5.56 5.29
CA VAL A 191 9.11 -7.65 4.62
CA VAL A 191 8.91 -6.88 4.88
C VAL A 191 9.04 -7.52 3.07
C VAL A 191 8.51 -6.84 3.42
N ALA A 192 9.22 -6.36 2.47
N ALA A 192 9.19 -6.04 2.62
CA ALA A 192 9.07 -6.24 1.00
CA ALA A 192 8.98 -6.03 1.16
C ALA A 192 10.37 -6.23 0.23
C ALA A 192 10.30 -6.16 0.38
N GLY A 193 11.43 -6.63 0.87
N GLY A 193 11.30 -6.73 1.00
CA GLY A 193 12.73 -6.69 0.26
CA GLY A 193 12.60 -6.94 0.40
C GLY A 193 12.76 -7.47 -1.05
C GLY A 193 12.66 -7.49 -0.99
N PRO A 194 12.08 -8.59 -1.17
N PRO A 194 11.98 -8.60 -1.25
CA PRO A 194 12.10 -9.36 -2.44
CA PRO A 194 12.12 -9.30 -2.55
C PRO A 194 11.37 -8.72 -3.59
C PRO A 194 11.25 -8.76 -3.65
N LEU A 195 10.64 -7.60 -3.38
CA LEU A 195 9.75 -7.01 -4.35
C LEU A 195 10.45 -5.87 -5.08
N LEU A 196 9.83 -4.68 -5.17
CA LEU A 196 10.44 -3.58 -5.89
C LEU A 196 11.81 -3.17 -5.33
N ARG A 197 12.00 -3.21 -4.00
N ARG A 197 11.98 -3.46 -4.05
CA ARG A 197 13.24 -2.82 -3.35
CA ARG A 197 13.34 -3.17 -3.56
C ARG A 197 14.42 -3.60 -3.91
C ARG A 197 14.42 -3.99 -4.24
N SER A 198 14.22 -4.87 -4.30
N SER A 198 14.08 -5.14 -4.82
CA SER A 198 15.32 -5.68 -4.80
CA SER A 198 15.12 -5.97 -5.44
C SER A 198 15.76 -5.18 -6.18
C SER A 198 15.60 -5.36 -6.75
N ALA A 199 15.00 -4.34 -6.85
N ALA A 199 14.87 -4.42 -7.32
CA ALA A 199 15.32 -3.83 -8.19
CA ALA A 199 15.11 -3.66 -8.51
C ALA A 199 15.76 -2.36 -8.15
C ALA A 199 15.49 -2.21 -8.23
N LEU A 200 15.65 -1.74 -7.01
CA LEU A 200 15.79 -0.30 -6.83
C LEU A 200 17.27 0.10 -6.89
N PRO A 201 17.64 1.06 -7.73
CA PRO A 201 19.04 1.48 -7.76
C PRO A 201 19.47 2.20 -6.49
N ALA A 202 20.78 2.17 -6.27
CA ALA A 202 21.38 2.90 -5.17
C ALA A 202 21.07 4.39 -5.30
N GLY A 203 20.72 5.00 -4.18
CA GLY A 203 20.41 6.42 -4.13
C GLY A 203 18.94 6.70 -4.36
N TRP A 204 18.18 5.78 -4.87
CA TRP A 204 16.76 6.01 -5.09
C TRP A 204 15.97 5.89 -3.78
N PHE A 205 14.88 6.62 -3.74
N PHE A 205 14.83 6.56 -3.84
CA PHE A 205 13.92 6.54 -2.66
CA PHE A 205 13.74 6.60 -2.88
C PHE A 205 12.86 5.50 -2.95
C PHE A 205 12.74 5.49 -3.17
N ILE A 206 12.40 4.80 -1.91
N ILE A 206 12.25 4.86 -2.12
CA ILE A 206 11.13 4.10 -2.02
CA ILE A 206 11.11 3.97 -2.10
C ILE A 206 10.40 4.12 -0.69
C ILE A 206 10.40 4.05 -0.75
N ALA A 207 9.09 4.23 -0.84
CA ALA A 207 8.15 4.12 0.29
C ALA A 207 7.08 3.16 -0.21
N ASP A 208 6.89 2.02 0.48
CA ASP A 208 6.06 0.97 -0.08
C ASP A 208 5.26 0.26 1.02
N LYS A 209 4.36 -0.60 0.52
CA LYS A 209 3.62 -1.51 1.38
C LYS A 209 3.22 -2.70 0.52
N SER A 210 3.59 -3.91 0.97
CA SER A 210 3.25 -5.13 0.28
C SER A 210 1.98 -5.76 0.83
N GLY A 211 1.50 -6.76 0.12
CA GLY A 211 0.41 -7.58 0.59
C GLY A 211 0.54 -9.00 0.06
N ALA A 212 0.02 -9.94 0.84
CA ALA A 212 -0.11 -11.33 0.45
C ALA A 212 -1.40 -11.87 1.06
N GLY A 213 -2.10 -12.72 0.32
CA GLY A 213 -3.29 -13.30 0.84
C GLY A 213 -3.53 -14.69 0.29
N GLU A 214 -4.77 -15.16 0.41
CA GLU A 214 -5.16 -16.48 -0.07
C GLU A 214 -5.16 -16.47 -1.60
N ARG A 215 -5.24 -17.67 -2.18
CA ARG A 215 -5.45 -17.86 -3.62
C ARG A 215 -4.37 -17.18 -4.44
N GLY A 216 -3.14 -17.20 -3.94
CA GLY A 216 -2.04 -16.63 -4.70
C GLY A 216 -1.98 -15.12 -4.71
N SER A 217 -2.85 -14.45 -3.99
N SER A 217 -2.77 -14.48 -3.87
CA SER A 217 -2.90 -12.99 -4.05
CA SER A 217 -2.80 -13.02 -3.93
C SER A 217 -1.61 -12.37 -3.50
C SER A 217 -1.48 -12.43 -3.46
N ARG A 218 -1.11 -11.36 -4.19
CA ARG A 218 0.13 -10.70 -3.89
C ARG A 218 0.08 -9.29 -4.47
N GLY A 219 0.72 -8.33 -3.82
CA GLY A 219 0.71 -7.00 -4.39
C GLY A 219 1.66 -6.08 -3.66
N ILE A 220 1.79 -4.89 -4.25
CA ILE A 220 2.60 -3.83 -3.64
C ILE A 220 2.09 -2.48 -4.16
N ILE A 221 2.15 -1.50 -3.26
CA ILE A 221 1.96 -0.10 -3.61
C ILE A 221 3.27 0.63 -3.24
N ALA A 222 3.65 1.62 -4.05
CA ALA A 222 4.92 2.28 -3.79
C ALA A 222 4.96 3.66 -4.41
N ALA A 223 5.71 4.54 -3.74
CA ALA A 223 6.16 5.80 -4.29
C ALA A 223 7.68 5.71 -4.37
N LEU A 224 8.26 5.99 -5.53
CA LEU A 224 9.69 5.79 -5.72
C LEU A 224 10.24 6.81 -6.70
N GLY A 225 11.55 6.99 -6.66
CA GLY A 225 12.20 7.86 -7.65
C GLY A 225 13.67 8.05 -7.34
N PRO A 226 14.34 8.72 -8.26
N PRO A 226 14.39 8.65 -8.34
CA PRO A 226 15.75 8.80 -8.06
CA PRO A 226 15.83 8.92 -8.31
C PRO A 226 16.17 9.90 -7.06
C PRO A 226 16.24 10.04 -7.34
N ASP A 227 17.45 9.84 -6.69
N ASP A 227 17.52 10.04 -6.99
CA ASP A 227 18.04 10.77 -5.77
CA ASP A 227 18.05 11.05 -6.07
C ASP A 227 17.27 11.21 -4.58
C ASP A 227 17.24 11.33 -4.86
N GLY A 228 16.81 10.16 -3.94
N GLY A 228 16.65 10.26 -4.30
CA GLY A 228 16.23 10.32 -2.64
CA GLY A 228 16.13 10.48 -2.97
C GLY A 228 14.86 10.92 -2.56
C GLY A 228 14.74 11.05 -2.87
N LYS A 229 14.21 11.12 -3.71
N LYS A 229 14.05 11.14 -4.02
CA LYS A 229 12.93 11.79 -3.77
CA LYS A 229 12.73 11.74 -3.96
C LYS A 229 11.97 10.96 -4.55
C LYS A 229 11.78 10.98 -4.86
N PRO A 230 10.77 10.69 -4.05
N PRO A 230 10.54 10.74 -4.41
CA PRO A 230 9.83 9.95 -4.91
CA PRO A 230 9.60 10.02 -5.26
C PRO A 230 9.30 10.84 -6.00
C PRO A 230 9.18 10.89 -6.40
N SER A 231 9.03 10.26 -7.16
N SER A 231 8.94 10.24 -7.54
CA SER A 231 8.46 10.95 -8.29
CA SER A 231 8.32 10.92 -8.67
C SER A 231 7.41 10.15 -9.06
C SER A 231 7.22 10.16 -9.38
N ARG A 232 7.19 8.86 -8.78
N ARG A 232 6.99 8.89 -9.04
CA ARG A 232 6.14 8.09 -9.38
CA ARG A 232 5.98 8.05 -9.65
C ARG A 232 5.55 7.18 -8.30
C ARG A 232 5.36 7.18 -8.57
N ILE A 233 4.35 6.73 -8.58
N ILE A 233 4.10 6.84 -8.72
CA ILE A 233 3.68 5.65 -7.87
CA ILE A 233 3.41 5.83 -7.94
C ILE A 233 3.47 4.47 -8.78
C ILE A 233 3.44 4.57 -8.80
N VAL A 234 3.79 3.30 -8.23
N VAL A 234 3.64 3.40 -8.19
CA VAL A 234 3.56 2.04 -8.91
CA VAL A 234 3.54 2.09 -8.83
C VAL A 234 2.63 1.24 -8.00
C VAL A 234 2.65 1.20 -7.98
N VAL A 235 1.64 0.59 -8.62
CA VAL A 235 0.76 -0.36 -7.96
C VAL A 235 0.74 -1.62 -8.80
N ILE A 236 1.00 -2.77 -8.14
CA ILE A 236 0.93 -4.07 -8.79
C ILE A 236 0.10 -5.00 -7.91
N TYR A 237 -0.87 -5.68 -8.51
CA TYR A 237 -1.64 -6.70 -7.83
C TYR A 237 -1.72 -7.95 -8.70
N THR A 238 -1.87 -9.09 -8.05
CA THR A 238 -2.24 -10.32 -8.73
C THR A 238 -3.08 -11.14 -7.78
N THR A 239 -4.01 -11.94 -8.35
CA THR A 239 -4.74 -12.90 -7.53
C THR A 239 -5.11 -14.08 -8.43
N GLY A 240 -5.21 -15.25 -7.80
CA GLY A 240 -5.61 -16.47 -8.45
C GLY A 240 -4.50 -17.45 -8.81
N SER A 241 -3.25 -17.03 -8.72
CA SER A 241 -2.16 -17.91 -9.12
C SER A 241 -1.97 -19.08 -8.15
N GLN A 242 -1.54 -20.21 -8.68
CA GLN A 242 -1.09 -21.32 -7.89
C GLN A 242 0.40 -21.31 -7.64
N ALA A 243 1.12 -20.29 -8.09
CA ALA A 243 2.56 -20.22 -7.96
C ALA A 243 3.02 -20.03 -6.51
N THR A 244 4.28 -20.41 -6.29
CA THR A 244 4.90 -20.22 -5.00
C THR A 244 5.06 -18.73 -4.67
N MET A 245 5.24 -18.44 -3.41
CA MET A 245 5.56 -17.09 -3.00
C MET A 245 6.80 -16.57 -3.72
N ASP A 246 7.87 -17.38 -3.79
CA ASP A 246 9.06 -16.94 -4.47
C ASP A 246 8.77 -16.58 -5.93
N GLU A 247 7.95 -17.38 -6.60
N GLU A 247 7.97 -17.41 -6.60
CA GLU A 247 7.61 -17.17 -8.01
CA GLU A 247 7.69 -17.04 -7.99
C GLU A 247 6.80 -15.86 -8.22
C GLU A 247 6.97 -15.70 -8.10
N ARG A 248 5.80 -15.68 -7.34
N ARG A 248 5.98 -15.44 -7.23
CA ARG A 248 5.08 -14.42 -7.39
CA ARG A 248 5.21 -14.20 -7.25
C ARG A 248 6.01 -13.24 -7.09
C ARG A 248 6.07 -13.00 -6.94
N ASN A 249 6.84 -13.36 -6.05
N ASN A 249 7.00 -13.17 -5.99
CA ASN A 249 7.78 -12.30 -5.71
CA ASN A 249 7.93 -12.11 -5.63
C ASN A 249 8.65 -11.96 -6.92
C ASN A 249 8.83 -11.78 -6.83
N ARG A 250 9.23 -12.97 -7.55
N ARG A 250 9.34 -12.80 -7.52
CA ARG A 250 10.12 -12.73 -8.67
CA ARG A 250 10.25 -12.56 -8.63
C ARG A 250 9.40 -12.00 -9.80
C ARG A 250 9.55 -11.80 -9.76
N GLN A 251 8.14 -12.36 -10.08
N GLN A 251 8.29 -12.19 -10.05
CA GLN A 251 7.47 -11.65 -11.16
CA GLN A 251 7.59 -11.45 -11.11
C GLN A 251 7.34 -10.15 -10.88
C GLN A 251 7.42 -9.99 -10.73
N ILE A 252 6.99 -9.84 -9.63
N ILE A 252 7.04 -9.67 -9.48
CA ILE A 252 6.90 -8.44 -9.21
CA ILE A 252 6.96 -8.27 -9.08
C ILE A 252 8.27 -7.79 -9.32
C ILE A 252 8.29 -7.52 -9.18
N ALA A 253 9.33 -8.48 -8.84
N ALA A 253 9.37 -8.16 -8.69
CA ALA A 253 10.66 -7.91 -8.93
CA ALA A 253 10.70 -7.60 -8.79
C ALA A 253 11.04 -7.70 -10.41
C ALA A 253 11.11 -7.31 -10.23
N GLU A 254 10.63 -8.53 -11.34
N GLU A 254 10.78 -8.24 -11.11
CA GLU A 254 10.95 -8.36 -12.74
CA GLU A 254 11.14 -8.06 -12.53
C GLU A 254 10.17 -7.25 -13.39
C GLU A 254 10.31 -6.96 -13.20
N ILE A 255 8.94 -7.04 -13.00
N ILE A 255 9.05 -6.80 -12.81
CA ILE A 255 8.20 -5.86 -13.43
CA ILE A 255 8.28 -5.65 -13.31
C ILE A 255 8.98 -4.63 -12.96
C ILE A 255 8.94 -4.36 -12.82
N GLY A 256 9.43 -4.64 -11.72
N GLY A 256 9.35 -4.38 -11.55
CA GLY A 256 10.20 -3.52 -11.17
CA GLY A 256 10.08 -3.22 -10.98
C GLY A 256 11.50 -3.31 -11.97
C GLY A 256 11.37 -2.97 -11.76
N ALA A 257 12.21 -4.39 -12.30
N ALA A 257 12.15 -4.01 -12.06
CA ALA A 257 13.46 -4.24 -13.05
CA ALA A 257 13.37 -3.80 -12.84
C ALA A 257 13.17 -3.50 -14.37
C ALA A 257 13.04 -3.15 -14.19
N SER A 258 12.09 -3.86 -15.00
N SER A 258 11.97 -3.54 -14.83
CA SER A 258 11.68 -3.28 -16.27
CA SER A 258 11.71 -3.00 -16.18
C SER A 258 11.28 -1.82 -16.14
C SER A 258 11.32 -1.55 -16.10
N LEU A 259 10.46 -1.47 -15.15
N LEU A 259 10.44 -1.22 -15.12
CA LEU A 259 10.04 -0.08 -15.04
CA LEU A 259 10.01 0.17 -15.05
C LEU A 259 11.22 0.80 -14.68
C LEU A 259 11.16 1.07 -14.66
N ILE A 260 12.19 0.32 -13.91
N ILE A 260 12.07 0.55 -13.85
CA ILE A 260 13.43 1.06 -13.63
CA ILE A 260 13.27 1.35 -13.53
C ILE A 260 14.25 1.23 -14.92
C ILE A 260 14.16 1.47 -14.76
N LYS A 261 14.42 0.14 -15.66
N LYS A 261 14.35 0.41 -15.55
CA LYS A 261 15.24 0.23 -16.87
CA LYS A 261 15.18 0.45 -16.74
C LYS A 261 14.70 1.27 -17.83
C LYS A 261 14.70 1.51 -17.70
N HIS A 262 13.36 1.37 -17.93
N HIS A 262 13.37 1.58 -17.89
CA HIS A 262 12.71 2.25 -18.88
CA HIS A 262 12.77 2.49 -18.87
C HIS A 262 12.23 3.57 -18.29
C HIS A 262 12.29 3.81 -18.28
N TRP A 263 12.67 3.87 -17.08
N TRP A 263 12.76 4.13 -17.07
CA TRP A 263 12.28 5.09 -16.39
CA TRP A 263 12.33 5.37 -16.43
C TRP A 263 12.42 6.33 -17.25
C TRP A 263 12.70 6.61 -17.24
P PO4 B . -9.09 -18.49 18.48
O1 PO4 B . -8.50 -18.10 19.86
O2 PO4 B . -10.28 -17.67 18.08
O3 PO4 B . -9.45 -20.01 18.57
O4 PO4 B . -7.97 -18.34 17.44
P PO4 C . -22.08 -5.94 -1.81
O1 PO4 C . -21.32 -6.08 -0.54
O2 PO4 C . -23.46 -5.26 -1.52
O3 PO4 C . -22.40 -7.34 -2.42
O4 PO4 C . -21.35 -5.11 -2.86
P PO4 D . 10.75 -21.49 -5.98
O1 PO4 D . 11.97 -20.60 -6.28
O2 PO4 D . 10.48 -21.43 -4.46
O3 PO4 D . 11.05 -22.94 -6.37
O4 PO4 D . 9.55 -20.94 -6.74
K K E . 0.68 4.66 -22.11
K K E . 2.40 6.20 -22.03
K K F . -2.63 -6.63 28.48
K K G . 7.52 -7.95 27.74
K K G . 7.01 -8.95 28.20
K K H . 7.27 -0.22 3.82
B CB4 I . -0.60 -8.69 4.60
OB1 CB4 I . -1.20 -9.07 3.31
OB1 CB4 I . -1.15 -8.98 3.23
OB2 CB4 I . 0.86 -8.44 4.38
OB2 CB4 I . 0.85 -8.56 4.51
C7 CB4 I . -0.87 -9.79 5.75
C7 CB4 I . -1.09 -9.85 5.65
N10 CB4 I . -0.50 -11.16 5.34
N10 CB4 I . -0.73 -11.17 5.06
C11 CB4 I . -0.87 -12.32 5.85
C11 CB4 I . -0.63 -12.17 5.88
O12 CB4 I . -1.55 -12.29 6.83
O12 CB4 I . -0.70 -12.22 7.09
C13 CB4 I . -0.36 -13.50 5.03
C13 CB4 I . -0.34 -13.53 5.29
N16 CB4 I . 0.89 -13.83 4.88
N16 CB4 I . 0.84 -14.08 5.21
O17 CB4 I . 1.76 -13.17 5.72
C18 CB4 I . 3.04 -13.86 5.97
C14 CB4 I . -1.39 -14.42 4.49
C14 CB4 I . -1.47 -14.30 4.76
C15 CB4 I . -2.70 -14.18 4.84
C15 CB4 I . -2.84 -14.16 4.88
S16 CB4 I . -3.65 -15.40 4.14
S16 CB4 I . -3.74 -15.38 4.12
C17 CB4 I . -2.25 -16.06 3.40
C17 CB4 I . -2.27 -16.09 3.60
N18 CB4 I . -2.29 -17.13 2.59
N18 CB4 I . -2.30 -17.27 2.90
N19 CB4 I . -1.11 -15.47 3.69
N19 CB4 I . -1.20 -15.42 4.02
C19 CB4 I . 2.77 -14.84 7.11
C20 CB4 I . 3.90 -12.75 6.55
C21 CB4 I . 3.59 -14.39 4.68
O2A CB4 I . 4.36 -15.37 4.80
O2B CB4 I . 3.24 -13.87 3.57
#